data_5JLT
#
_entry.id   5JLT
#
_cell.length_a   72.270
_cell.length_b   72.270
_cell.length_c   279.369
_cell.angle_alpha   90.00
_cell.angle_beta   90.00
_cell.angle_gamma   120.00
#
_symmetry.space_group_name_H-M   'P 61'
#
loop_
_entity.id
_entity.type
_entity.pdbx_description
1 polymer 'Middle transcription regulatory protein motA'
2 polymer "DNA (5'-D(*GP*AP*AP*GP*CP*TP*TP*TP*GP*CP*TP*TP*AP*AP*TP*AP*AP*TP*CP*CP*AP*C)-3')"
3 polymer "DNA (5'-D(*GP*TP*GP*GP*AP*TP*TP*AP*TP*TP*AP*AP*GP*CP*AP*AP*AP*GP*CP*TP*TP*C)-3')"
4 water water
#
loop_
_entity_poly.entity_id
_entity_poly.type
_entity_poly.pdbx_seq_one_letter_code
_entity_poly.pdbx_strand_id
1 'polypeptide(L)'
;EGDIHMELLKKRATRKAREITSDMEEDKDLMLKLLDKNGFVLKKVEIYRSNYLAILEKRTNGIRNFEINNNGNMRIFGYK
MMEHHIQKFTDIGMSCKIAKNGNVYLDIKRSAENIEAVITVASEL
;
A,B,C,D
2 'polydeoxyribonucleotide'
;(DG)(DA)(DA)(DG)(DC)(DT)(DT)(DT)(DG)(DC)(DT)(DT)(DA)(DA)(DT)(DA)(DA)(DT)(DC)(DC)
(DA)(DC)
;
E,H
3 'polydeoxyribonucleotide'
;(DG)(DT)(DG)(DG)(DA)(DT)(DT)(DA)(DT)(DT)(DA)(DA)(DG)(DC)(DA)(DA)(DA)(DG)(DC)(DT)
(DT)(DC)
;
F,G
#
# COMPACT_ATOMS: atom_id res chain seq x y z
N ARG A 12 4.07 -36.06 -21.03
CA ARG A 12 4.85 -34.90 -20.59
C ARG A 12 5.04 -34.90 -19.08
N ALA A 13 5.38 -33.75 -18.55
CA ALA A 13 5.52 -33.56 -17.12
C ALA A 13 4.76 -32.31 -16.68
N THR A 14 4.49 -32.28 -15.38
CA THR A 14 3.84 -31.17 -14.71
C THR A 14 4.89 -30.12 -14.33
N ARG A 15 4.45 -28.98 -13.80
CA ARG A 15 5.39 -28.08 -13.18
C ARG A 15 5.69 -28.58 -11.76
N LYS A 16 6.73 -27.99 -11.16
CA LYS A 16 7.46 -28.66 -10.08
C LYS A 16 6.60 -28.88 -8.83
N ALA A 17 5.99 -27.83 -8.25
CA ALA A 17 5.85 -26.47 -8.75
C ALA A 17 6.98 -25.55 -8.30
N ARG A 18 7.15 -25.41 -6.99
CA ARG A 18 8.16 -24.50 -6.48
C ARG A 18 8.61 -24.96 -5.09
N GLU A 19 9.92 -24.98 -4.90
CA GLU A 19 10.54 -25.50 -3.69
C GLU A 19 10.22 -24.62 -2.48
N ILE A 20 10.32 -25.22 -1.30
CA ILE A 20 10.47 -24.50 -0.04
C ILE A 20 11.92 -24.65 0.40
N THR A 21 12.56 -23.52 0.69
CA THR A 21 13.95 -23.48 1.11
C THR A 21 14.10 -23.63 2.62
N SER A 22 15.33 -23.91 3.03
CA SER A 22 15.63 -24.05 4.46
C SER A 22 15.41 -22.74 5.19
N ASP A 23 15.68 -21.62 4.52
CA ASP A 23 15.46 -20.31 5.14
C ASP A 23 13.98 -20.13 5.47
N MET A 24 13.11 -20.53 4.54
CA MET A 24 11.67 -20.39 4.75
C MET A 24 11.19 -21.15 5.98
N GLU A 25 11.66 -22.39 6.17
CA GLU A 25 11.24 -23.17 7.34
C GLU A 25 11.67 -22.49 8.63
N GLU A 26 12.91 -22.02 8.70
CA GLU A 26 13.40 -21.32 9.88
C GLU A 26 12.59 -20.06 10.14
N ASP A 27 12.31 -19.30 9.06
CA ASP A 27 11.53 -18.09 9.23
C ASP A 27 10.16 -18.44 9.75
N LYS A 28 9.57 -19.51 9.20
CA LYS A 28 8.26 -19.98 9.67
C LYS A 28 8.39 -20.39 11.12
N ASP A 29 9.49 -21.08 11.46
CA ASP A 29 9.75 -21.50 12.83
C ASP A 29 9.81 -20.28 13.74
N LEU A 30 10.46 -19.22 13.27
CA LEU A 30 10.56 -17.99 14.05
C LEU A 30 9.19 -17.38 14.24
N MET A 31 8.40 -17.32 13.16
CA MET A 31 7.06 -16.77 13.26
C MET A 31 6.26 -17.50 14.33
N LEU A 32 6.23 -18.84 14.25
CA LEU A 32 5.50 -19.63 15.23
C LEU A 32 6.08 -19.36 16.61
N LYS A 33 7.40 -19.24 16.68
CA LYS A 33 8.07 -18.97 17.94
C LYS A 33 7.61 -17.65 18.54
N LEU A 34 7.55 -16.61 17.70
CA LEU A 34 7.14 -15.29 18.18
C LEU A 34 5.64 -15.23 18.44
N LEU A 35 4.85 -15.99 17.68
CA LEU A 35 3.41 -15.99 17.90
C LEU A 35 3.06 -16.65 19.23
N ASP A 36 3.59 -17.85 19.47
CA ASP A 36 3.41 -18.48 20.78
C ASP A 36 4.05 -17.66 21.88
N LYS A 37 5.15 -16.96 21.58
CA LYS A 37 5.76 -16.06 22.54
C LYS A 37 4.84 -14.89 22.85
N ASN A 38 4.20 -14.32 21.82
CA ASN A 38 3.33 -13.17 21.97
C ASN A 38 1.88 -13.58 22.20
N GLY A 39 1.64 -14.85 22.53
CA GLY A 39 0.32 -15.34 22.85
C GLY A 39 -0.62 -15.53 21.68
N PHE A 40 -0.10 -15.66 20.46
CA PHE A 40 -0.95 -15.88 19.30
C PHE A 40 -1.27 -17.38 19.17
N VAL A 41 -2.55 -17.71 19.32
CA VAL A 41 -3.04 -19.08 19.24
C VAL A 41 -3.29 -19.44 17.78
N LEU A 42 -2.75 -20.57 17.33
CA LEU A 42 -2.89 -20.98 15.95
C LEU A 42 -3.91 -22.10 15.81
N LYS A 43 -4.78 -21.96 14.81
CA LYS A 43 -5.80 -22.97 14.53
C LYS A 43 -5.15 -24.19 13.91
N LYS A 44 -4.18 -23.97 13.04
CA LYS A 44 -3.44 -24.98 12.31
C LYS A 44 -2.42 -24.25 11.46
N VAL A 45 -1.56 -25.01 10.81
CA VAL A 45 -0.62 -24.42 9.87
C VAL A 45 -0.93 -25.11 8.55
N GLU A 46 -1.03 -24.32 7.49
CA GLU A 46 -1.33 -24.85 6.17
C GLU A 46 -0.25 -24.54 5.16
N ILE A 47 -0.18 -25.41 4.16
CA ILE A 47 0.65 -25.19 2.99
C ILE A 47 -0.32 -25.08 1.83
N TYR A 48 -0.42 -23.89 1.28
CA TYR A 48 -1.33 -23.52 0.21
C TYR A 48 -0.46 -22.74 -0.75
N ARG A 49 -0.42 -23.15 -2.02
CA ARG A 49 0.42 -22.52 -3.03
C ARG A 49 1.89 -22.47 -2.56
N SER A 50 2.34 -23.54 -1.89
CA SER A 50 3.72 -23.62 -1.40
C SER A 50 4.00 -22.51 -0.38
N ASN A 51 2.99 -22.21 0.45
CA ASN A 51 3.12 -21.19 1.48
C ASN A 51 2.70 -21.73 2.83
N TYR A 52 3.34 -21.24 3.89
CA TYR A 52 2.97 -21.63 5.24
C TYR A 52 2.02 -20.58 5.76
N LEU A 53 0.88 -21.03 6.27
CA LEU A 53 -0.14 -20.15 6.79
C LEU A 53 -0.46 -20.53 8.21
N ALA A 54 -0.17 -19.64 9.15
CA ALA A 54 -0.52 -19.90 10.53
C ALA A 54 -1.88 -19.25 10.66
N ILE A 55 -2.92 -20.06 10.70
CA ILE A 55 -4.28 -19.53 10.74
C ILE A 55 -4.71 -19.35 12.19
N LEU A 56 -4.94 -18.11 12.55
CA LEU A 56 -5.38 -17.79 13.90
C LEU A 56 -6.82 -18.27 14.08
N GLU A 57 -7.11 -18.83 15.25
CA GLU A 57 -8.47 -19.28 15.51
C GLU A 57 -9.30 -18.11 15.98
N LYS A 58 -8.72 -17.22 16.77
CA LYS A 58 -9.42 -16.05 17.26
C LYS A 58 -8.79 -14.85 16.55
N ARG A 59 -9.45 -14.40 15.47
CA ARG A 59 -8.97 -13.27 14.71
C ARG A 59 -9.08 -12.01 15.58
N THR A 60 -8.00 -11.24 15.64
CA THR A 60 -7.95 -10.04 16.47
C THR A 60 -7.54 -8.80 15.68
N ASN A 61 -8.25 -7.70 15.95
CA ASN A 61 -8.01 -6.41 15.31
C ASN A 61 -8.04 -6.54 13.79
N GLY A 62 -8.89 -7.46 13.33
CA GLY A 62 -9.08 -7.74 11.93
C GLY A 62 -8.07 -8.66 11.32
N ILE A 63 -7.00 -9.01 12.04
CA ILE A 63 -5.97 -9.89 11.52
C ILE A 63 -6.52 -11.31 11.47
N ARG A 64 -6.35 -12.01 10.35
CA ARG A 64 -6.88 -13.36 10.29
C ARG A 64 -5.82 -14.45 10.38
N ASN A 65 -4.68 -14.29 9.71
CA ASN A 65 -3.60 -15.26 9.79
C ASN A 65 -2.28 -14.59 9.45
N PHE A 66 -1.17 -15.23 9.84
CA PHE A 66 0.16 -14.72 9.53
C PHE A 66 0.78 -15.71 8.54
N GLU A 67 1.41 -15.18 7.50
CA GLU A 67 1.96 -16.02 6.45
C GLU A 67 3.39 -15.65 6.11
N ILE A 68 4.16 -16.69 5.78
CA ILE A 68 5.52 -16.60 5.29
C ILE A 68 5.47 -17.20 3.90
N ASN A 69 5.52 -16.35 2.89
CA ASN A 69 5.37 -16.73 1.51
C ASN A 69 6.69 -16.90 0.77
N ASN A 70 6.64 -17.80 -0.22
CA ASN A 70 7.77 -18.17 -1.06
C ASN A 70 8.24 -17.02 -1.93
N ASN A 71 7.51 -15.91 -1.97
CA ASN A 71 7.93 -14.77 -2.78
C ASN A 71 8.99 -13.95 -2.06
N GLY A 72 9.40 -14.36 -0.86
CA GLY A 72 10.43 -13.69 -0.10
C GLY A 72 9.86 -12.72 0.91
N ASN A 73 8.55 -12.56 0.94
CA ASN A 73 7.83 -11.66 1.81
C ASN A 73 7.11 -12.38 2.95
N MET A 74 6.87 -11.64 4.03
CA MET A 74 6.03 -12.09 5.14
C MET A 74 4.76 -11.29 4.97
N ARG A 75 3.62 -11.92 5.11
CA ARG A 75 2.36 -11.22 4.91
C ARG A 75 1.39 -11.40 6.07
N ILE A 76 0.54 -10.38 6.24
CA ILE A 76 -0.52 -10.37 7.22
C ILE A 76 -1.82 -10.33 6.44
N PHE A 77 -2.69 -11.31 6.68
CA PHE A 77 -3.99 -11.37 6.03
C PHE A 77 -5.07 -11.08 7.07
N GLY A 78 -5.88 -10.05 6.80
CA GLY A 78 -6.92 -9.63 7.72
C GLY A 78 -8.21 -9.26 7.00
N TYR A 79 -9.20 -8.85 7.79
CA TYR A 79 -10.51 -8.48 7.25
C TYR A 79 -11.03 -7.27 8.01
N LYS A 80 -11.37 -6.21 7.27
CA LYS A 80 -11.89 -4.96 7.81
C LYS A 80 -11.09 -4.43 8.99
N MET A 81 -9.77 -4.33 8.79
CA MET A 81 -8.91 -3.81 9.83
C MET A 81 -9.05 -2.31 9.91
N MET A 82 -8.84 -1.74 11.11
CA MET A 82 -8.96 -0.30 11.20
C MET A 82 -7.79 0.34 10.48
N GLU A 83 -8.06 1.42 9.75
CA GLU A 83 -6.97 2.08 9.04
C GLU A 83 -5.88 2.53 9.99
N HIS A 84 -6.25 3.11 11.14
CA HIS A 84 -5.19 3.57 12.04
C HIS A 84 -4.41 2.39 12.58
N HIS A 85 -4.94 1.18 12.44
CA HIS A 85 -4.18 0.00 12.84
C HIS A 85 -3.26 -0.36 11.68
N ILE A 86 -3.84 -0.38 10.47
CA ILE A 86 -3.08 -0.66 9.25
C ILE A 86 -1.91 0.30 9.12
N GLN A 87 -2.18 1.58 9.41
CA GLN A 87 -1.15 2.63 9.33
C GLN A 87 0.04 2.31 10.22
N LYS A 88 -0.20 1.67 11.38
CA LYS A 88 0.91 1.33 12.26
C LYS A 88 1.81 0.30 11.60
N PHE A 89 1.25 -0.57 10.76
CA PHE A 89 2.06 -1.57 10.05
C PHE A 89 2.78 -0.92 8.88
N THR A 90 2.10 0.00 8.17
CA THR A 90 2.72 0.69 7.06
C THR A 90 3.81 1.63 7.56
N ASP A 91 3.70 2.05 8.82
CA ASP A 91 4.66 2.94 9.46
C ASP A 91 6.02 2.29 9.60
N ILE A 92 6.10 0.96 9.61
CA ILE A 92 7.38 0.28 9.73
C ILE A 92 7.89 -0.22 8.37
N GLY A 93 7.25 0.21 7.29
CA GLY A 93 7.63 -0.10 5.93
C GLY A 93 6.75 -1.09 5.20
N MET A 94 5.66 -1.55 5.78
CA MET A 94 4.84 -2.53 5.09
C MET A 94 3.90 -1.89 4.07
N SER A 95 3.68 -2.58 2.96
CA SER A 95 2.73 -2.07 1.98
C SER A 95 1.34 -2.60 2.27
N CYS A 96 0.33 -1.87 1.78
CA CYS A 96 -1.03 -2.27 2.05
C CYS A 96 -1.95 -1.99 0.87
N LYS A 97 -2.82 -2.96 0.59
CA LYS A 97 -3.84 -2.83 -0.44
C LYS A 97 -5.12 -3.33 0.22
N ILE A 98 -6.15 -2.49 0.24
CA ILE A 98 -7.45 -2.84 0.83
C ILE A 98 -8.45 -3.09 -0.30
N ALA A 99 -9.01 -4.29 -0.32
CA ALA A 99 -9.96 -4.66 -1.35
C ALA A 99 -11.33 -4.07 -1.03
N LYS A 100 -12.20 -4.09 -2.04
CA LYS A 100 -13.55 -3.56 -1.90
C LYS A 100 -14.32 -4.26 -0.79
N ASN A 101 -14.07 -5.54 -0.57
CA ASN A 101 -14.76 -6.32 0.44
C ASN A 101 -14.22 -6.10 1.86
N GLY A 102 -13.21 -5.25 2.05
CA GLY A 102 -12.68 -5.02 3.38
C GLY A 102 -11.44 -5.83 3.72
N ASN A 103 -11.05 -6.77 2.87
CA ASN A 103 -9.86 -7.57 3.13
C ASN A 103 -8.62 -6.69 3.08
N VAL A 104 -7.66 -7.00 3.95
CA VAL A 104 -6.41 -6.24 4.07
C VAL A 104 -5.23 -7.14 3.76
N TYR A 105 -4.31 -6.65 2.94
CA TYR A 105 -3.10 -7.38 2.58
C TYR A 105 -1.89 -6.55 2.98
N LEU A 106 -1.10 -7.04 3.93
CA LEU A 106 0.11 -6.37 4.40
C LEU A 106 1.34 -7.16 3.99
N ASP A 107 2.31 -6.51 3.34
CA ASP A 107 3.50 -7.25 2.93
C ASP A 107 4.79 -6.57 3.34
N ILE A 108 5.80 -7.40 3.59
CA ILE A 108 7.13 -6.90 3.90
C ILE A 108 8.16 -8.02 3.69
N LYS A 109 9.38 -7.63 3.36
CA LYS A 109 10.46 -8.58 3.11
C LYS A 109 10.83 -9.38 4.36
N ARG A 110 11.08 -10.67 4.15
CA ARG A 110 11.46 -11.57 5.21
C ARG A 110 12.85 -11.26 5.76
N SER A 111 12.95 -11.28 7.08
CA SER A 111 14.20 -11.09 7.80
C SER A 111 13.87 -11.29 9.27
N ALA A 112 14.84 -11.73 10.07
CA ALA A 112 14.56 -11.91 11.48
C ALA A 112 14.11 -10.60 12.11
N GLU A 113 14.78 -9.51 11.74
CA GLU A 113 14.48 -8.18 12.28
C GLU A 113 13.09 -7.72 11.87
N ASN A 114 12.73 -7.88 10.60
CA ASN A 114 11.42 -7.42 10.16
C ASN A 114 10.30 -8.30 10.70
N ILE A 115 10.50 -9.61 10.76
CA ILE A 115 9.46 -10.49 11.28
C ILE A 115 9.16 -10.15 12.73
N GLU A 116 10.21 -9.92 13.52
CA GLU A 116 10.05 -9.57 14.93
C GLU A 116 9.31 -8.24 15.07
N ALA A 117 9.73 -7.24 14.31
CA ALA A 117 9.11 -5.92 14.38
C ALA A 117 7.63 -5.99 14.03
N VAL A 118 7.28 -6.75 12.99
CA VAL A 118 5.88 -6.84 12.59
C VAL A 118 5.03 -7.44 13.70
N ILE A 119 5.49 -8.56 14.27
CA ILE A 119 4.71 -9.23 15.32
C ILE A 119 4.65 -8.37 16.59
N THR A 120 5.74 -7.67 16.91
CA THR A 120 5.71 -6.80 18.09
C THR A 120 4.63 -5.74 17.93
N VAL A 121 4.55 -5.14 16.74
CA VAL A 121 3.53 -4.12 16.50
C VAL A 121 2.15 -4.75 16.62
N ALA A 122 1.97 -5.91 16.00
CA ALA A 122 0.68 -6.58 16.10
C ALA A 122 0.32 -6.86 17.55
N SER A 123 1.32 -7.15 18.39
CA SER A 123 1.08 -7.44 19.80
C SER A 123 0.77 -6.20 20.63
N GLU A 124 1.22 -5.02 20.19
CA GLU A 124 0.98 -3.79 20.92
C GLU A 124 -0.23 -3.06 20.37
N LEU A 125 -0.92 -3.67 19.42
CA LEU A 125 -2.09 -3.10 18.79
C LEU A 125 -3.21 -2.88 19.81
N ARG B 18 13.63 -3.50 -24.74
CA ARG B 18 13.02 -4.59 -24.00
C ARG B 18 11.78 -4.11 -23.27
N GLU B 19 10.60 -4.37 -23.80
CA GLU B 19 9.37 -3.92 -23.14
C GLU B 19 8.15 -4.48 -23.87
N ILE B 20 6.97 -3.97 -23.48
CA ILE B 20 5.69 -4.40 -24.02
C ILE B 20 5.61 -4.16 -25.51
N THR B 21 5.23 -5.20 -26.27
CA THR B 21 5.10 -5.16 -27.72
C THR B 21 4.51 -3.84 -28.19
N SER B 22 3.59 -3.26 -27.40
CA SER B 22 2.95 -1.99 -27.71
C SER B 22 2.13 -1.51 -26.53
N ASP B 23 0.86 -1.14 -26.80
CA ASP B 23 -0.08 -0.69 -25.77
C ASP B 23 0.45 0.35 -24.77
N MET B 24 1.67 0.20 -24.28
CA MET B 24 2.20 1.20 -23.34
C MET B 24 2.22 2.55 -24.03
N GLU B 25 2.65 2.56 -25.29
CA GLU B 25 2.68 3.79 -26.05
C GLU B 25 1.26 4.36 -26.17
N GLU B 26 0.29 3.49 -26.46
CA GLU B 26 -1.09 3.96 -26.54
C GLU B 26 -1.53 4.49 -25.19
N ASP B 27 -1.19 3.76 -24.15
CA ASP B 27 -1.50 4.13 -22.77
C ASP B 27 -0.82 5.41 -22.37
N LYS B 28 0.47 5.56 -22.74
CA LYS B 28 1.12 6.81 -22.39
C LYS B 28 0.45 7.98 -23.09
N ASP B 29 0.12 7.80 -24.37
CA ASP B 29 -0.58 8.87 -25.09
C ASP B 29 -1.93 9.12 -24.45
N LEU B 30 -2.63 8.03 -24.09
CA LEU B 30 -3.93 8.13 -23.44
C LEU B 30 -3.75 8.75 -22.07
N MET B 31 -2.73 8.29 -21.33
CA MET B 31 -2.44 8.85 -20.01
C MET B 31 -2.22 10.35 -20.09
N LEU B 32 -1.32 10.77 -20.97
CA LEU B 32 -1.00 12.18 -21.16
C LEU B 32 -2.25 12.94 -21.58
N LYS B 33 -3.06 12.30 -22.44
CA LYS B 33 -4.30 12.91 -22.91
C LYS B 33 -5.19 13.18 -21.71
N LEU B 34 -5.26 12.21 -20.80
CA LEU B 34 -6.11 12.40 -19.61
C LEU B 34 -5.49 13.43 -18.69
N LEU B 35 -4.15 13.49 -18.67
CA LEU B 35 -3.45 14.48 -17.86
C LEU B 35 -3.66 15.87 -18.41
N ASP B 36 -3.50 16.04 -19.72
N ASP B 36 -3.50 16.04 -19.72
CA ASP B 36 -3.68 17.36 -20.34
CA ASP B 36 -3.68 17.36 -20.34
C ASP B 36 -5.13 17.81 -20.32
C ASP B 36 -5.13 17.81 -20.32
N LYS B 37 -6.07 16.86 -20.28
CA LYS B 37 -7.48 17.21 -20.14
C LYS B 37 -7.74 17.89 -18.81
N ASN B 38 -7.15 17.38 -17.74
CA ASN B 38 -7.37 17.89 -16.40
C ASN B 38 -6.38 18.98 -16.00
N GLY B 39 -5.66 19.55 -16.95
CA GLY B 39 -4.74 20.65 -16.70
C GLY B 39 -3.45 20.32 -15.99
N PHE B 40 -3.00 19.07 -16.01
CA PHE B 40 -1.73 18.72 -15.39
C PHE B 40 -0.59 19.03 -16.35
N VAL B 41 0.26 19.98 -15.97
CA VAL B 41 1.39 20.41 -16.78
C VAL B 41 2.60 19.49 -16.55
N LEU B 42 3.15 18.98 -17.65
CA LEU B 42 4.29 18.08 -17.63
C LEU B 42 5.56 18.80 -18.06
N LYS B 43 6.64 18.58 -17.32
CA LYS B 43 7.93 19.19 -17.65
C LYS B 43 8.53 18.59 -18.91
N LYS B 44 8.42 17.28 -19.06
CA LYS B 44 8.93 16.50 -20.18
C LYS B 44 8.54 15.06 -19.89
N VAL B 45 8.78 14.18 -20.85
CA VAL B 45 8.53 12.76 -20.65
C VAL B 45 9.83 12.01 -20.86
N GLU B 46 10.12 11.08 -19.97
CA GLU B 46 11.34 10.28 -20.06
C GLU B 46 11.02 8.80 -20.19
N ILE B 47 11.94 8.09 -20.81
CA ILE B 47 11.94 6.63 -20.93
C ILE B 47 13.16 6.17 -20.14
N TYR B 48 12.91 5.48 -19.03
CA TYR B 48 13.96 5.04 -18.12
C TYR B 48 13.79 3.59 -17.72
N ARG B 49 14.85 2.80 -17.95
CA ARG B 49 14.84 1.36 -17.63
C ARG B 49 13.64 0.64 -18.23
N SER B 50 13.30 1.03 -19.46
CA SER B 50 12.20 0.45 -20.21
C SER B 50 10.85 0.66 -19.53
N ASN B 51 10.71 1.82 -18.89
CA ASN B 51 9.47 2.21 -18.23
C ASN B 51 9.18 3.62 -18.73
N TYR B 52 7.89 3.95 -18.87
CA TYR B 52 7.55 5.29 -19.31
C TYR B 52 7.22 6.16 -18.10
N LEU B 53 7.89 7.32 -18.01
CA LEU B 53 7.66 8.26 -16.92
C LEU B 53 7.34 9.65 -17.45
N ALA B 54 6.13 10.13 -17.17
CA ALA B 54 5.68 11.46 -17.54
C ALA B 54 5.98 12.35 -16.33
N ILE B 55 6.99 13.20 -16.43
CA ILE B 55 7.42 14.01 -15.30
C ILE B 55 6.66 15.34 -15.27
N LEU B 56 5.87 15.53 -14.22
CA LEU B 56 5.09 16.73 -14.01
C LEU B 56 6.00 17.91 -13.69
N GLU B 57 5.69 19.06 -14.26
CA GLU B 57 6.49 20.25 -13.97
C GLU B 57 6.01 20.92 -12.68
N LYS B 58 4.71 20.96 -12.46
CA LYS B 58 4.12 21.56 -11.25
C LYS B 58 3.52 20.44 -10.40
N ARG B 59 4.28 20.00 -9.39
CA ARG B 59 3.78 18.95 -8.52
C ARG B 59 2.60 19.49 -7.71
N THR B 60 1.50 18.73 -7.69
CA THR B 60 0.29 19.13 -6.98
C THR B 60 -0.17 18.06 -6.01
N ASN B 61 -0.57 18.50 -4.81
CA ASN B 61 -1.04 17.62 -3.74
C ASN B 61 0.00 16.54 -3.43
N GLY B 62 1.26 16.93 -3.59
CA GLY B 62 2.42 16.10 -3.36
C GLY B 62 2.76 15.16 -4.49
N ILE B 63 1.90 15.05 -5.52
CA ILE B 63 2.19 14.17 -6.63
C ILE B 63 3.28 14.82 -7.48
N ARG B 64 4.30 14.06 -7.83
CA ARG B 64 5.40 14.61 -8.63
C ARG B 64 5.39 14.12 -10.08
N ASN B 65 5.11 12.85 -10.35
CA ASN B 65 5.05 12.40 -11.73
C ASN B 65 4.16 11.17 -11.82
N PHE B 66 3.70 10.89 -13.04
CA PHE B 66 2.87 9.73 -13.34
C PHE B 66 3.70 8.81 -14.24
N GLU B 67 3.67 7.51 -13.94
CA GLU B 67 4.48 6.57 -14.67
C GLU B 67 3.67 5.36 -15.14
N ILE B 68 4.07 4.86 -16.30
CA ILE B 68 3.52 3.65 -16.90
C ILE B 68 4.70 2.70 -16.96
N ASN B 69 4.70 1.72 -16.08
CA ASN B 69 5.77 0.76 -15.89
C ASN B 69 5.49 -0.56 -16.59
N ASN B 70 6.59 -1.21 -16.97
CA ASN B 70 6.63 -2.46 -17.71
C ASN B 70 6.05 -3.63 -16.93
N ASN B 71 5.74 -3.45 -15.65
CA ASN B 71 5.16 -4.58 -14.92
C ASN B 71 3.69 -4.72 -15.24
N GLY B 72 3.19 -3.85 -16.12
CA GLY B 72 1.82 -3.85 -16.57
C GLY B 72 0.93 -2.92 -15.79
N ASN B 73 1.47 -2.27 -14.77
CA ASN B 73 0.73 -1.34 -13.93
C ASN B 73 1.13 0.10 -14.23
N MET B 74 0.25 1.01 -13.87
CA MET B 74 0.45 2.45 -13.93
C MET B 74 0.68 2.91 -12.50
N ARG B 75 1.66 3.80 -12.31
CA ARG B 75 2.05 4.29 -10.99
C ARG B 75 2.08 5.80 -10.90
N ILE B 76 1.83 6.27 -9.68
CA ILE B 76 1.90 7.68 -9.34
C ILE B 76 3.01 7.80 -8.32
N PHE B 77 3.99 8.63 -8.62
CA PHE B 77 5.10 8.88 -7.71
C PHE B 77 4.96 10.30 -7.17
N GLY B 78 4.88 10.44 -5.86
CA GLY B 78 4.72 11.73 -5.21
C GLY B 78 5.60 11.80 -3.98
N TYR B 79 5.53 12.93 -3.27
CA TYR B 79 6.38 13.07 -2.10
C TYR B 79 5.65 13.78 -0.97
N LYS B 80 5.64 13.14 0.19
CA LYS B 80 4.99 13.58 1.44
C LYS B 80 3.54 14.01 1.22
N MET B 81 2.78 13.13 0.58
CA MET B 81 1.37 13.36 0.31
C MET B 81 0.55 13.15 1.59
N MET B 82 -0.58 13.84 1.67
CA MET B 82 -1.44 13.70 2.85
C MET B 82 -2.10 12.33 2.85
N GLU B 83 -2.19 11.72 4.03
CA GLU B 83 -2.79 10.39 4.15
C GLU B 83 -4.22 10.39 3.63
N HIS B 84 -5.01 11.44 3.93
CA HIS B 84 -6.39 11.43 3.46
C HIS B 84 -6.46 11.54 1.94
N HIS B 85 -5.35 11.92 1.29
CA HIS B 85 -5.33 11.94 -0.17
C HIS B 85 -5.07 10.52 -0.64
N ILE B 86 -4.08 9.87 -0.03
CA ILE B 86 -3.74 8.49 -0.34
C ILE B 86 -4.96 7.60 -0.18
N GLN B 87 -5.75 7.84 0.87
CA GLN B 87 -6.95 7.04 1.12
C GLN B 87 -7.89 7.07 -0.08
N LYS B 88 -7.99 8.20 -0.76
CA LYS B 88 -8.88 8.23 -1.90
C LYS B 88 -8.32 7.33 -3.01
N PHE B 89 -7.00 7.19 -3.08
CA PHE B 89 -6.40 6.36 -4.11
C PHE B 89 -6.55 4.90 -3.72
N THR B 90 -6.38 4.59 -2.44
CA THR B 90 -6.54 3.21 -2.00
C THR B 90 -8.00 2.76 -2.09
N ASP B 91 -8.95 3.69 -2.04
CA ASP B 91 -10.36 3.38 -2.11
C ASP B 91 -10.79 2.79 -3.45
N ILE B 92 -10.07 3.06 -4.54
CA ILE B 92 -10.43 2.50 -5.85
C ILE B 92 -9.54 1.32 -6.22
N GLY B 93 -8.75 0.81 -5.28
CA GLY B 93 -7.91 -0.34 -5.51
C GLY B 93 -6.44 -0.09 -5.66
N MET B 94 -5.96 1.13 -5.49
CA MET B 94 -4.54 1.38 -5.65
C MET B 94 -3.82 1.02 -4.35
N SER B 95 -2.63 0.46 -4.47
CA SER B 95 -1.82 0.13 -3.31
C SER B 95 -0.94 1.31 -2.91
N CYS B 96 -0.55 1.33 -1.64
CA CYS B 96 0.26 2.44 -1.16
C CYS B 96 1.28 1.97 -0.13
N LYS B 97 2.51 2.47 -0.28
CA LYS B 97 3.60 2.20 0.65
C LYS B 97 4.23 3.54 0.95
N ILE B 98 4.32 3.90 2.23
CA ILE B 98 4.94 5.16 2.61
C ILE B 98 6.30 4.86 3.21
N ALA B 99 7.34 5.37 2.57
CA ALA B 99 8.69 5.16 3.03
C ALA B 99 9.01 6.10 4.18
N LYS B 100 10.10 5.79 4.89
CA LYS B 100 10.53 6.62 6.00
C LYS B 100 10.83 8.05 5.56
N ASN B 101 11.35 8.24 4.34
CA ASN B 101 11.71 9.57 3.84
C ASN B 101 10.53 10.40 3.34
N GLY B 102 9.32 9.86 3.36
CA GLY B 102 8.13 10.56 2.92
C GLY B 102 7.70 10.29 1.50
N ASN B 103 8.52 9.61 0.69
CA ASN B 103 8.06 9.29 -0.65
C ASN B 103 6.94 8.29 -0.61
N VAL B 104 6.03 8.49 -1.54
CA VAL B 104 4.81 7.74 -1.74
C VAL B 104 4.79 7.06 -3.12
N TYR B 105 4.45 5.75 -3.10
CA TYR B 105 4.35 4.92 -4.29
C TYR B 105 2.95 4.31 -4.37
N LEU B 106 2.17 4.70 -5.38
CA LEU B 106 0.84 4.17 -5.58
C LEU B 106 0.80 3.33 -6.86
N ASP B 107 0.30 2.08 -6.78
CA ASP B 107 0.29 1.28 -8.00
C ASP B 107 -1.06 0.66 -8.32
N ILE B 108 -1.30 0.52 -9.62
CA ILE B 108 -2.48 -0.13 -10.13
C ILE B 108 -2.20 -0.49 -11.58
N LYS B 109 -2.85 -1.54 -12.02
CA LYS B 109 -2.80 -2.12 -13.33
C LYS B 109 -3.36 -1.20 -14.40
N ARG B 110 -2.74 -1.35 -15.58
CA ARG B 110 -3.02 -0.61 -16.82
C ARG B 110 -4.31 -1.00 -17.55
N SER B 111 -4.22 -1.57 -18.76
CA SER B 111 -5.48 -1.87 -19.43
C SER B 111 -6.19 -0.54 -19.71
N ALA B 112 -7.39 -0.37 -19.16
CA ALA B 112 -8.15 0.85 -19.37
C ALA B 112 -9.00 1.09 -18.14
N GLU B 113 -9.88 2.09 -18.22
CA GLU B 113 -10.77 2.45 -17.11
C GLU B 113 -10.00 2.85 -15.86
N ASN B 114 -8.97 2.08 -15.50
CA ASN B 114 -8.23 2.43 -14.30
C ASN B 114 -7.39 3.67 -14.53
N ILE B 115 -6.80 3.80 -15.72
CA ILE B 115 -6.00 4.99 -16.00
C ILE B 115 -6.90 6.23 -15.94
N GLU B 116 -8.09 6.14 -16.54
CA GLU B 116 -9.03 7.25 -16.53
C GLU B 116 -9.50 7.58 -15.12
N ALA B 117 -9.89 6.56 -14.35
CA ALA B 117 -10.40 6.80 -13.00
C ALA B 117 -9.35 7.45 -12.10
N VAL B 118 -8.10 7.00 -12.16
CA VAL B 118 -7.09 7.60 -11.28
C VAL B 118 -6.92 9.09 -11.61
N ILE B 119 -6.75 9.40 -12.89
CA ILE B 119 -6.58 10.80 -13.28
C ILE B 119 -7.87 11.58 -13.02
N THR B 120 -9.03 10.94 -13.24
CA THR B 120 -10.29 11.63 -12.97
C THR B 120 -10.33 12.03 -11.50
N VAL B 121 -9.94 11.08 -10.64
CA VAL B 121 -9.88 11.33 -9.19
C VAL B 121 -8.82 12.37 -8.89
N ALA B 122 -7.66 12.24 -9.53
CA ALA B 122 -6.55 13.17 -9.33
C ALA B 122 -6.94 14.62 -9.62
N SER B 123 -7.83 14.85 -10.58
CA SER B 123 -8.17 16.24 -10.86
C SER B 123 -9.09 16.87 -9.83
N GLU B 124 -9.89 16.09 -9.09
CA GLU B 124 -10.79 16.69 -8.11
C GLU B 124 -10.25 16.70 -6.69
N LEU B 125 -9.02 16.25 -6.45
CA LEU B 125 -8.54 16.27 -5.08
C LEU B 125 -8.46 17.69 -4.50
N LYS C 16 24.73 46.15 4.38
CA LYS C 16 26.17 46.26 4.21
C LYS C 16 26.77 44.95 3.73
N ALA C 17 25.95 43.90 3.68
CA ALA C 17 26.44 42.53 3.56
C ALA C 17 27.53 42.34 4.59
N ARG C 18 28.78 42.52 4.16
CA ARG C 18 29.92 42.78 5.03
C ARG C 18 31.20 42.78 4.22
N GLU C 19 32.19 43.55 4.66
CA GLU C 19 33.49 43.53 4.03
C GLU C 19 34.41 42.55 4.76
N ILE C 20 35.15 41.76 3.97
CA ILE C 20 36.13 40.85 4.51
C ILE C 20 37.26 41.59 5.20
N THR C 21 37.55 41.17 6.43
CA THR C 21 38.60 41.81 7.19
C THR C 21 39.93 41.15 6.86
N SER C 22 41.02 41.82 7.22
CA SER C 22 42.36 41.33 6.96
C SER C 22 42.73 40.05 7.72
N ASP C 23 42.23 39.88 8.95
CA ASP C 23 42.56 38.66 9.69
C ASP C 23 42.02 37.39 9.02
N MET C 24 40.77 37.42 8.54
CA MET C 24 40.22 36.22 7.92
C MET C 24 40.97 35.74 6.68
N GLU C 25 41.36 36.66 5.77
CA GLU C 25 42.07 36.20 4.57
C GLU C 25 43.39 35.51 4.89
N GLU C 26 44.18 36.09 5.78
CA GLU C 26 45.42 35.43 6.16
C GLU C 26 45.09 34.13 6.86
N ASP C 27 44.06 34.15 7.70
CA ASP C 27 43.62 32.95 8.41
C ASP C 27 43.12 31.89 7.44
N LYS C 28 42.39 32.30 6.38
CA LYS C 28 41.91 31.33 5.41
C LYS C 28 43.09 30.67 4.70
N ASP C 29 44.07 31.47 4.32
CA ASP C 29 45.28 30.99 3.66
C ASP C 29 46.04 30.06 4.58
N LEU C 30 46.10 30.42 5.86
CA LEU C 30 46.79 29.58 6.82
C LEU C 30 46.10 28.24 6.89
N MET C 31 44.77 28.24 6.99
CA MET C 31 44.03 26.97 6.99
C MET C 31 44.40 26.14 5.77
N LEU C 32 44.21 26.76 4.59
CA LEU C 32 44.47 26.14 3.29
C LEU C 32 45.90 25.67 3.13
N LYS C 33 46.85 26.47 3.58
CA LYS C 33 48.25 26.08 3.45
C LYS C 33 48.50 24.78 4.20
N LEU C 34 47.99 24.67 5.43
CA LEU C 34 48.23 23.44 6.19
C LEU C 34 47.41 22.26 5.66
N LEU C 35 46.19 22.49 5.16
CA LEU C 35 45.42 21.38 4.62
C LEU C 35 46.04 20.88 3.31
N ASP C 36 46.49 21.81 2.46
CA ASP C 36 47.26 21.42 1.27
C ASP C 36 48.55 20.73 1.65
N LYS C 37 49.01 20.92 2.89
CA LYS C 37 50.16 20.18 3.41
C LYS C 37 49.75 18.74 3.70
N ASN C 38 48.56 18.53 4.29
CA ASN C 38 48.11 17.20 4.66
C ASN C 38 47.34 16.49 3.57
N GLY C 39 47.39 16.99 2.34
CA GLY C 39 46.73 16.30 1.23
C GLY C 39 45.23 16.37 1.14
N PHE C 40 44.58 17.35 1.76
CA PHE C 40 43.12 17.45 1.64
C PHE C 40 42.80 18.17 0.33
N VAL C 41 42.17 17.47 -0.63
CA VAL C 41 41.81 18.04 -1.92
C VAL C 41 40.46 18.77 -1.84
N LEU C 42 40.45 20.02 -2.28
CA LEU C 42 39.32 20.94 -2.28
C LEU C 42 38.74 21.12 -3.69
N LYS C 43 37.40 21.13 -3.81
CA LYS C 43 36.80 21.29 -5.14
C LYS C 43 36.99 22.70 -5.69
N LYS C 44 36.81 23.73 -4.86
CA LYS C 44 36.99 25.13 -5.25
C LYS C 44 36.67 25.99 -4.03
N VAL C 45 36.91 27.31 -4.12
CA VAL C 45 36.54 28.18 -3.03
C VAL C 45 35.60 29.29 -3.50
N GLU C 46 34.54 29.48 -2.72
CA GLU C 46 33.44 30.44 -2.81
C GLU C 46 33.38 31.32 -1.56
N ILE C 47 32.76 32.48 -1.72
CA ILE C 47 32.47 33.40 -0.61
C ILE C 47 30.95 33.39 -0.48
N TYR C 48 30.51 32.83 0.64
CA TYR C 48 29.11 32.57 1.00
C TYR C 48 28.84 33.03 2.43
N ARG C 49 27.82 33.86 2.60
CA ARG C 49 27.44 34.42 3.89
C ARG C 49 28.63 35.10 4.54
N SER C 50 29.42 35.78 3.74
CA SER C 50 30.60 36.49 4.24
C SER C 50 31.53 35.47 4.88
N ASN C 51 31.54 34.29 4.30
CA ASN C 51 32.36 33.17 4.76
C ASN C 51 33.17 32.57 3.61
N TYR C 52 34.33 32.07 3.99
CA TYR C 52 35.29 31.45 3.10
C TYR C 52 35.00 29.96 3.17
N LEU C 53 34.85 29.27 2.05
CA LEU C 53 34.54 27.84 2.14
C LEU C 53 35.50 26.89 1.43
N ALA C 54 36.18 26.02 2.20
CA ALA C 54 37.03 25.04 1.53
C ALA C 54 36.15 23.79 1.39
N ILE C 55 35.63 23.54 0.18
CA ILE C 55 34.73 22.42 -0.06
C ILE C 55 35.43 21.14 -0.54
N LEU C 56 35.34 20.08 0.25
CA LEU C 56 35.92 18.78 -0.09
C LEU C 56 35.11 18.17 -1.23
N GLU C 57 35.77 17.53 -2.21
CA GLU C 57 34.90 16.95 -3.25
C GLU C 57 34.39 15.59 -2.80
N LYS C 58 35.25 14.84 -2.17
CA LYS C 58 34.99 13.51 -1.62
C LYS C 58 35.09 13.62 -0.10
N ARG C 59 33.92 13.70 0.53
CA ARG C 59 33.83 13.83 1.98
C ARG C 59 34.38 12.60 2.67
N THR C 60 35.22 12.84 3.68
CA THR C 60 35.88 11.78 4.44
C THR C 60 35.58 11.97 5.92
N ASN C 61 35.26 10.85 6.55
CA ASN C 61 34.91 10.77 7.97
C ASN C 61 33.76 11.72 8.25
N GLY C 62 32.93 11.89 7.22
CA GLY C 62 31.74 12.71 7.20
C GLY C 62 31.96 14.20 6.99
N ILE C 63 33.21 14.67 7.02
CA ILE C 63 33.49 16.09 6.86
C ILE C 63 33.31 16.54 5.41
N ARG C 64 32.57 17.63 5.20
CA ARG C 64 32.35 18.18 3.87
C ARG C 64 33.10 19.48 3.56
N ASN C 65 33.17 20.41 4.51
CA ASN C 65 33.89 21.65 4.22
C ASN C 65 34.43 22.31 5.49
N PHE C 66 35.37 23.21 5.25
CA PHE C 66 36.03 24.01 6.27
C PHE C 66 35.57 25.45 6.06
N GLU C 67 35.25 26.14 7.15
CA GLU C 67 34.64 27.47 7.12
C GLU C 67 35.28 28.55 7.97
N ILE C 68 35.15 29.80 7.46
CA ILE C 68 35.63 31.05 8.08
C ILE C 68 34.44 31.97 8.41
N ASN C 69 34.06 32.11 9.73
CA ASN C 69 32.90 32.96 10.12
C ASN C 69 33.29 34.34 10.67
N ASN C 70 32.38 35.29 10.40
CA ASN C 70 32.59 36.64 10.89
C ASN C 70 32.45 36.79 12.38
N ASN C 71 31.91 35.78 13.06
CA ASN C 71 31.75 35.85 14.51
C ASN C 71 32.98 35.46 15.30
N GLY C 72 34.10 35.12 14.67
CA GLY C 72 35.24 34.77 15.47
C GLY C 72 35.45 33.29 15.70
N ASN C 73 34.57 32.40 15.20
CA ASN C 73 34.83 30.99 15.47
C ASN C 73 35.37 30.43 14.19
N MET C 74 36.10 29.35 14.29
CA MET C 74 36.38 28.61 13.08
C MET C 74 35.49 27.40 13.35
N ARG C 75 34.65 26.93 12.38
CA ARG C 75 33.77 25.77 12.58
C ARG C 75 33.89 24.78 11.43
N ILE C 76 33.62 23.51 11.72
CA ILE C 76 33.62 22.41 10.76
C ILE C 76 32.25 21.80 10.59
N PHE C 77 31.83 21.73 9.32
CA PHE C 77 30.60 21.19 8.81
C PHE C 77 30.84 19.86 8.08
N GLY C 78 30.13 18.83 8.54
CA GLY C 78 30.24 17.49 8.01
C GLY C 78 28.85 16.90 7.88
N TYR C 79 28.77 15.63 7.44
CA TYR C 79 27.45 15.06 7.24
C TYR C 79 27.50 13.62 7.77
N LYS C 80 26.59 13.29 8.69
CA LYS C 80 26.49 11.96 9.30
C LYS C 80 27.84 11.43 9.81
N MET C 81 28.52 12.24 10.63
CA MET C 81 29.80 11.85 11.22
C MET C 81 29.61 10.85 12.36
N MET C 82 30.65 10.05 12.59
CA MET C 82 30.62 9.03 13.63
C MET C 82 30.62 9.66 15.02
N GLU C 83 29.85 9.06 15.94
CA GLU C 83 29.74 9.57 17.31
C GLU C 83 31.10 9.64 17.97
N HIS C 84 31.92 8.61 17.83
CA HIS C 84 33.23 8.62 18.46
C HIS C 84 34.15 9.65 17.83
N HIS C 85 33.79 10.15 16.66
CA HIS C 85 34.55 11.20 15.98
C HIS C 85 34.17 12.57 16.52
N ILE C 86 32.86 12.85 16.66
CA ILE C 86 32.44 14.15 17.19
C ILE C 86 33.07 14.43 18.55
N GLN C 87 33.08 13.41 19.43
CA GLN C 87 33.68 13.53 20.75
C GLN C 87 35.14 13.93 20.60
N LYS C 88 35.81 13.46 19.52
CA LYS C 88 37.23 13.76 19.31
C LYS C 88 37.42 15.22 19.15
N PHE C 89 36.45 15.89 18.53
CA PHE C 89 36.41 17.32 18.32
C PHE C 89 35.91 18.08 19.57
N THR C 90 34.90 17.52 20.22
CA THR C 90 34.25 18.08 21.42
C THR C 90 35.20 18.03 22.61
N ASP C 91 36.17 17.11 22.55
CA ASP C 91 37.17 16.91 23.58
C ASP C 91 38.09 18.12 23.76
N ILE C 92 38.19 18.99 22.76
CA ILE C 92 39.07 20.15 22.88
C ILE C 92 38.29 21.41 23.25
N GLY C 93 37.01 21.26 23.63
CA GLY C 93 36.20 22.39 24.03
C GLY C 93 35.18 22.80 23.01
N MET C 94 35.05 22.05 21.93
CA MET C 94 34.10 22.39 20.88
C MET C 94 32.69 21.94 21.23
N SER C 95 31.71 22.76 20.85
CA SER C 95 30.30 22.47 21.03
C SER C 95 29.76 21.72 19.82
N CYS C 96 28.68 20.97 20.02
CA CYS C 96 28.13 20.21 18.92
C CYS C 96 26.61 20.16 18.97
N LYS C 97 26.00 20.33 17.79
CA LYS C 97 24.56 20.26 17.61
C LYS C 97 24.31 19.38 16.38
N ILE C 98 23.53 18.33 16.56
CA ILE C 98 23.19 17.41 15.48
C ILE C 98 21.74 17.65 15.09
N ALA C 99 21.53 18.01 13.83
CA ALA C 99 20.19 18.27 13.34
C ALA C 99 19.46 16.97 13.01
N LYS C 100 18.15 17.08 12.84
CA LYS C 100 17.32 15.92 12.52
C LYS C 100 17.78 15.26 11.21
N ASN C 101 18.26 16.06 10.27
CA ASN C 101 18.72 15.60 8.97
C ASN C 101 20.11 14.98 8.99
N GLY C 102 20.78 14.92 10.14
CA GLY C 102 22.10 14.33 10.20
C GLY C 102 23.25 15.31 10.14
N ASN C 103 22.97 16.60 9.90
CA ASN C 103 24.03 17.58 9.83
C ASN C 103 24.69 17.76 11.20
N VAL C 104 26.00 17.96 11.19
CA VAL C 104 26.78 18.11 12.41
C VAL C 104 27.43 19.48 12.45
N TYR C 105 27.33 20.17 13.59
CA TYR C 105 27.96 21.47 13.77
C TYR C 105 28.92 21.48 14.98
N LEU C 106 30.19 21.66 14.73
CA LEU C 106 31.26 21.72 15.72
C LEU C 106 31.87 23.12 15.76
N ASP C 107 32.00 23.76 16.96
CA ASP C 107 32.51 25.13 17.07
C ASP C 107 33.69 25.28 18.02
N ILE C 108 34.53 26.25 17.67
CA ILE C 108 35.67 26.65 18.46
C ILE C 108 36.03 28.04 17.97
N LYS C 109 36.57 28.85 18.87
CA LYS C 109 36.97 30.23 18.59
C LYS C 109 38.16 30.29 17.66
N ARG C 110 38.15 31.26 16.73
CA ARG C 110 39.29 31.35 15.82
C ARG C 110 40.53 31.78 16.60
N SER C 111 41.64 31.11 16.34
CA SER C 111 42.96 31.40 16.89
C SER C 111 43.93 30.45 16.21
N ALA C 112 45.20 30.80 16.11
CA ALA C 112 46.14 29.88 15.46
C ALA C 112 46.18 28.53 16.19
N GLU C 113 46.18 28.55 17.53
CA GLU C 113 46.25 27.32 18.30
C GLU C 113 45.03 26.43 18.11
N ASN C 114 43.83 26.98 18.14
CA ASN C 114 42.68 26.10 17.99
C ASN C 114 42.58 25.56 16.57
N ILE C 115 42.85 26.36 15.54
CA ILE C 115 42.74 25.82 14.19
C ILE C 115 43.72 24.67 13.93
N GLU C 116 45.00 24.82 14.30
CA GLU C 116 45.94 23.71 14.10
C GLU C 116 45.54 22.48 14.93
N ALA C 117 45.16 22.67 16.19
CA ALA C 117 44.80 21.50 17.00
C ALA C 117 43.63 20.74 16.32
N VAL C 118 42.65 21.47 15.80
CA VAL C 118 41.49 20.86 15.15
C VAL C 118 41.90 20.06 13.89
N ILE C 119 42.75 20.65 13.03
CA ILE C 119 43.12 19.97 11.79
C ILE C 119 43.93 18.69 12.04
N THR C 120 44.81 18.67 13.04
CA THR C 120 45.55 17.42 13.31
C THR C 120 44.57 16.31 13.66
N VAL C 121 43.56 16.63 14.49
CA VAL C 121 42.56 15.65 14.88
C VAL C 121 41.80 15.24 13.64
N ALA C 122 41.41 16.22 12.80
CA ALA C 122 40.70 15.93 11.57
C ALA C 122 41.56 14.98 10.72
N SER C 123 42.87 15.13 10.84
CA SER C 123 43.87 14.34 10.12
C SER C 123 43.98 12.95 10.73
N GLU C 124 43.57 12.80 11.99
CA GLU C 124 43.64 11.54 12.72
C GLU C 124 42.34 10.76 12.65
N LEU C 125 41.36 11.28 11.91
CA LEU C 125 40.07 10.62 11.74
C LEU C 125 40.21 9.27 11.03
N ILE D 20 -48.43 -23.51 10.95
CA ILE D 20 -48.13 -24.79 10.31
C ILE D 20 -49.38 -25.32 9.60
N THR D 21 -50.54 -24.76 9.94
CA THR D 21 -51.80 -25.19 9.35
C THR D 21 -52.06 -24.42 8.04
N SER D 22 -52.96 -24.94 7.20
CA SER D 22 -53.18 -26.38 6.99
C SER D 22 -52.85 -26.71 5.55
N ASP D 23 -53.14 -25.76 4.68
CA ASP D 23 -52.90 -25.82 3.23
C ASP D 23 -51.43 -25.94 2.85
N MET D 24 -50.55 -26.25 3.82
CA MET D 24 -49.12 -26.33 3.52
C MET D 24 -48.78 -27.41 2.48
N GLU D 25 -49.32 -28.62 2.65
CA GLU D 25 -49.06 -29.72 1.72
C GLU D 25 -49.62 -29.46 0.32
N GLU D 26 -50.85 -28.96 0.22
CA GLU D 26 -51.41 -28.70 -1.11
C GLU D 26 -50.60 -27.65 -1.84
N ASP D 27 -50.20 -26.60 -1.14
CA ASP D 27 -49.41 -25.56 -1.79
C ASP D 27 -48.06 -26.11 -2.20
N LYS D 28 -47.43 -26.92 -1.34
CA LYS D 28 -46.15 -27.54 -1.67
C LYS D 28 -46.29 -28.52 -2.83
N ASP D 29 -47.37 -29.30 -2.82
CA ASP D 29 -47.61 -30.26 -3.89
C ASP D 29 -47.75 -29.55 -5.22
N LEU D 30 -48.45 -28.42 -5.22
CA LEU D 30 -48.62 -27.65 -6.43
C LEU D 30 -47.27 -27.11 -6.89
N MET D 31 -46.47 -26.57 -5.97
CA MET D 31 -45.16 -26.03 -6.30
C MET D 31 -44.27 -27.05 -7.01
N LEU D 32 -44.12 -28.23 -6.39
CA LEU D 32 -43.27 -29.25 -6.98
C LEU D 32 -43.72 -29.74 -8.36
N LYS D 33 -45.01 -29.94 -8.64
CA LYS D 33 -45.36 -30.42 -9.98
C LYS D 33 -44.92 -29.43 -11.04
N LEU D 34 -45.13 -28.13 -10.82
CA LEU D 34 -44.71 -27.22 -11.89
C LEU D 34 -43.20 -27.15 -11.97
N LEU D 35 -42.50 -27.32 -10.85
CA LEU D 35 -41.05 -27.32 -10.92
C LEU D 35 -40.53 -28.54 -11.67
N ASP D 36 -40.96 -29.74 -11.23
CA ASP D 36 -40.58 -30.96 -11.95
C ASP D 36 -41.09 -30.96 -13.38
N LYS D 37 -42.18 -30.23 -13.63
CA LYS D 37 -42.68 -30.03 -14.98
C LYS D 37 -41.72 -29.20 -15.81
N ASN D 38 -41.15 -28.14 -15.23
CA ASN D 38 -40.29 -27.24 -15.98
C ASN D 38 -38.80 -27.61 -15.97
N GLY D 39 -38.45 -28.83 -15.57
CA GLY D 39 -37.05 -29.20 -15.64
C GLY D 39 -36.10 -28.60 -14.63
N PHE D 40 -36.57 -28.12 -13.49
CA PHE D 40 -35.65 -27.57 -12.50
C PHE D 40 -35.07 -28.69 -11.68
N VAL D 41 -33.75 -28.94 -11.75
CA VAL D 41 -33.21 -30.00 -10.91
C VAL D 41 -32.88 -29.36 -9.55
N LEU D 42 -33.45 -29.91 -8.49
CA LEU D 42 -33.24 -29.42 -7.13
C LEU D 42 -32.42 -30.35 -6.23
N LYS D 43 -31.52 -29.72 -5.47
CA LYS D 43 -30.65 -30.42 -4.53
C LYS D 43 -31.43 -30.96 -3.34
N LYS D 44 -32.41 -30.23 -2.86
CA LYS D 44 -33.08 -30.78 -1.70
C LYS D 44 -34.27 -29.92 -1.25
N VAL D 45 -35.04 -30.49 -0.35
CA VAL D 45 -36.17 -29.85 0.29
C VAL D 45 -35.92 -29.91 1.79
N GLU D 46 -36.16 -28.81 2.48
CA GLU D 46 -35.94 -28.78 3.91
C GLU D 46 -37.21 -28.49 4.69
N ILE D 47 -37.21 -28.97 5.92
CA ILE D 47 -38.23 -28.66 6.92
C ILE D 47 -37.42 -27.89 7.93
N TYR D 48 -37.65 -26.59 8.02
CA TYR D 48 -36.87 -25.73 8.88
C TYR D 48 -37.86 -24.82 9.60
N ARG D 49 -37.78 -24.81 10.93
CA ARG D 49 -38.69 -24.04 11.76
C ARG D 49 -40.13 -24.42 11.43
N SER D 50 -40.60 -24.13 10.21
CA SER D 50 -41.96 -24.48 9.78
C SER D 50 -42.22 -23.94 8.38
N ASN D 51 -41.20 -23.93 7.53
CA ASN D 51 -41.35 -23.44 6.18
C ASN D 51 -40.80 -24.47 5.20
N TYR D 52 -41.40 -24.56 4.01
CA TYR D 52 -40.95 -25.49 2.98
C TYR D 52 -40.03 -24.79 1.98
N LEU D 53 -38.84 -25.35 1.76
CA LEU D 53 -37.84 -24.82 0.81
C LEU D 53 -37.33 -25.83 -0.21
N ALA D 54 -37.60 -25.58 -1.50
CA ALA D 54 -37.10 -26.44 -2.58
C ALA D 54 -35.78 -25.84 -3.04
N ILE D 55 -34.66 -26.46 -2.68
CA ILE D 55 -33.33 -25.93 -2.98
C ILE D 55 -32.68 -26.39 -4.30
N LEU D 56 -32.46 -25.42 -5.20
CA LEU D 56 -31.80 -25.63 -6.49
C LEU D 56 -30.33 -25.89 -6.24
N GLU D 57 -29.72 -26.84 -6.97
CA GLU D 57 -28.28 -27.00 -6.71
C GLU D 57 -27.45 -26.00 -7.50
N LYS D 58 -27.81 -25.74 -8.75
CA LYS D 58 -27.12 -24.77 -9.60
C LYS D 58 -28.09 -23.61 -9.84
N ARG D 59 -27.91 -22.51 -9.13
CA ARG D 59 -28.78 -21.36 -9.29
C ARG D 59 -28.62 -20.84 -10.71
N THR D 60 -29.77 -20.60 -11.35
CA THR D 60 -29.85 -20.15 -12.73
C THR D 60 -30.64 -18.85 -12.87
N ASN D 61 -30.08 -17.96 -13.68
CA ASN D 61 -30.62 -16.63 -13.97
C ASN D 61 -30.84 -15.89 -12.66
N GLY D 62 -29.98 -16.19 -11.71
CA GLY D 62 -29.93 -15.63 -10.39
C GLY D 62 -30.92 -16.20 -9.39
N ILE D 63 -31.87 -17.02 -9.82
CA ILE D 63 -32.84 -17.56 -8.87
C ILE D 63 -32.17 -18.63 -8.02
N ARG D 64 -32.31 -18.54 -6.70
CA ARG D 64 -31.68 -19.56 -5.87
C ARG D 64 -32.67 -20.53 -5.22
N ASN D 65 -33.82 -20.06 -4.72
CA ASN D 65 -34.79 -21.00 -4.16
C ASN D 65 -36.19 -20.44 -4.24
N PHE D 66 -37.16 -21.36 -4.16
CA PHE D 66 -38.58 -21.04 -4.15
C PHE D 66 -39.06 -21.46 -2.77
N GLU D 67 -39.85 -20.61 -2.11
CA GLU D 67 -40.25 -20.91 -0.75
C GLU D 67 -41.75 -20.76 -0.49
N ILE D 68 -42.25 -21.61 0.41
CA ILE D 68 -43.63 -21.56 0.88
C ILE D 68 -43.50 -21.26 2.37
N ASN D 69 -43.74 -20.01 2.72
CA ASN D 69 -43.62 -19.46 4.06
C ASN D 69 -44.95 -19.33 4.78
N ASN D 70 -44.88 -19.43 6.11
CA ASN D 70 -46.01 -19.36 7.01
C ASN D 70 -46.65 -17.98 7.03
N ASN D 71 -46.03 -16.99 6.40
CA ASN D 71 -46.62 -15.65 6.41
C ASN D 71 -47.74 -15.45 5.38
N GLY D 72 -48.06 -16.46 4.59
CA GLY D 72 -49.15 -16.40 3.63
C GLY D 72 -48.76 -16.00 2.23
N ASN D 73 -47.50 -15.64 2.03
CA ASN D 73 -46.90 -15.20 0.79
C ASN D 73 -46.01 -16.24 0.15
N MET D 74 -45.82 -16.09 -1.15
CA MET D 74 -44.88 -16.87 -1.91
C MET D 74 -43.70 -15.96 -2.19
N ARG D 75 -42.50 -16.48 -1.99
CA ARG D 75 -41.31 -15.69 -2.20
C ARG D 75 -40.31 -16.44 -3.08
N ILE D 76 -39.53 -15.66 -3.82
CA ILE D 76 -38.45 -16.16 -4.64
C ILE D 76 -37.18 -15.53 -4.07
N PHE D 77 -36.20 -16.35 -3.70
CA PHE D 77 -34.95 -15.85 -3.17
C PHE D 77 -33.83 -16.08 -4.18
N GLY D 78 -33.16 -14.99 -4.59
CA GLY D 78 -32.10 -15.08 -5.57
C GLY D 78 -30.92 -14.20 -5.19
N TYR D 79 -29.89 -14.20 -6.04
CA TYR D 79 -28.68 -13.44 -5.76
C TYR D 79 -28.15 -12.79 -7.05
N LYS D 80 -27.98 -11.46 -7.00
CA LYS D 80 -27.47 -10.64 -8.12
C LYS D 80 -28.20 -10.93 -9.42
N MET D 81 -29.51 -10.88 -9.36
CA MET D 81 -30.34 -11.12 -10.53
C MET D 81 -30.36 -9.89 -11.43
N MET D 82 -30.59 -10.13 -12.71
CA MET D 82 -30.62 -9.05 -13.70
C MET D 82 -31.84 -8.15 -13.52
N GLU D 83 -31.63 -6.84 -13.72
CA GLU D 83 -32.69 -5.85 -13.58
C GLU D 83 -33.87 -6.20 -14.46
N HIS D 84 -33.62 -6.60 -15.71
CA HIS D 84 -34.73 -6.93 -16.60
C HIS D 84 -35.47 -8.18 -16.15
N HIS D 85 -34.87 -8.96 -15.25
CA HIS D 85 -35.55 -10.14 -14.73
C HIS D 85 -36.50 -9.74 -13.62
N ILE D 86 -36.03 -8.91 -12.68
CA ILE D 86 -36.85 -8.43 -11.58
C ILE D 86 -38.12 -7.73 -12.10
N GLN D 87 -37.99 -6.90 -13.13
CA GLN D 87 -39.14 -6.19 -13.68
C GLN D 87 -40.24 -7.13 -14.14
N LYS D 88 -39.88 -8.29 -14.68
CA LYS D 88 -40.89 -9.24 -15.13
C LYS D 88 -41.68 -9.79 -13.96
N PHE D 89 -41.06 -9.91 -12.79
CA PHE D 89 -41.76 -10.40 -11.62
C PHE D 89 -42.67 -9.33 -11.02
N THR D 90 -42.18 -8.08 -10.99
CA THR D 90 -42.98 -6.98 -10.45
C THR D 90 -44.17 -6.66 -11.33
N ASP D 91 -44.08 -6.97 -12.62
CA ASP D 91 -45.16 -6.72 -13.58
C ASP D 91 -46.41 -7.55 -13.28
N ILE D 92 -46.28 -8.67 -12.57
CA ILE D 92 -47.42 -9.53 -12.25
C ILE D 92 -47.89 -9.30 -10.82
N GLY D 93 -47.39 -8.26 -10.15
CA GLY D 93 -47.83 -7.95 -8.81
C GLY D 93 -46.84 -8.27 -7.73
N MET D 94 -45.64 -8.70 -8.07
CA MET D 94 -44.65 -9.04 -7.06
C MET D 94 -43.95 -7.80 -6.54
N SER D 95 -43.67 -7.80 -5.24
CA SER D 95 -42.93 -6.73 -4.59
C SER D 95 -41.44 -7.04 -4.67
N CYS D 96 -40.62 -6.00 -4.57
CA CYS D 96 -39.19 -6.25 -4.68
C CYS D 96 -38.41 -5.36 -3.73
N LYS D 97 -37.43 -5.99 -3.07
CA LYS D 97 -36.50 -5.36 -2.16
C LYS D 97 -35.11 -5.87 -2.53
N ILE D 98 -34.19 -4.95 -2.82
CA ILE D 98 -32.82 -5.31 -3.19
C ILE D 98 -31.86 -4.99 -2.05
N ALA D 99 -31.16 -6.03 -1.55
CA ALA D 99 -30.21 -5.87 -0.46
C ALA D 99 -28.89 -5.32 -0.98
N LYS D 100 -28.05 -4.84 -0.05
CA LYS D 100 -26.74 -4.28 -0.43
C LYS D 100 -25.84 -5.30 -1.14
N ASN D 101 -25.89 -6.58 -0.74
CA ASN D 101 -25.04 -7.59 -1.38
C ASN D 101 -25.63 -8.07 -2.69
N GLY D 102 -26.77 -7.54 -3.12
CA GLY D 102 -27.37 -7.99 -4.35
C GLY D 102 -28.49 -8.99 -4.18
N ASN D 103 -28.76 -9.46 -2.95
CA ASN D 103 -29.84 -10.41 -2.75
C ASN D 103 -31.17 -9.73 -3.05
N VAL D 104 -32.08 -10.48 -3.64
CA VAL D 104 -33.39 -10.01 -4.07
C VAL D 104 -34.50 -10.78 -3.36
N TYR D 105 -35.51 -10.06 -2.88
CA TYR D 105 -36.65 -10.67 -2.21
C TYR D 105 -37.90 -10.28 -2.98
N LEU D 106 -38.55 -11.26 -3.59
CA LEU D 106 -39.77 -11.11 -4.37
C LEU D 106 -40.94 -11.75 -3.64
N ASP D 107 -42.03 -11.01 -3.49
CA ASP D 107 -43.20 -11.52 -2.78
C ASP D 107 -44.46 -11.36 -3.62
N ILE D 108 -45.38 -12.27 -3.37
CA ILE D 108 -46.68 -12.29 -4.04
C ILE D 108 -47.65 -13.08 -3.18
N LYS D 109 -48.92 -12.69 -3.24
CA LYS D 109 -49.93 -13.39 -2.47
C LYS D 109 -50.14 -14.78 -3.06
N ARG D 110 -50.29 -15.78 -2.20
CA ARG D 110 -50.50 -17.15 -2.63
C ARG D 110 -51.85 -17.39 -3.31
N SER D 111 -51.82 -18.17 -4.39
CA SER D 111 -52.98 -18.61 -5.17
C SER D 111 -52.46 -19.59 -6.20
N ALA D 112 -53.33 -20.50 -6.65
CA ALA D 112 -52.89 -21.49 -7.64
C ALA D 112 -52.38 -20.82 -8.91
N GLU D 113 -53.07 -19.77 -9.38
CA GLU D 113 -52.61 -19.09 -10.59
C GLU D 113 -51.27 -18.42 -10.35
N ASN D 114 -51.13 -17.74 -9.21
CA ASN D 114 -49.88 -17.04 -8.94
C ASN D 114 -48.75 -18.02 -8.69
N ILE D 115 -49.01 -19.13 -8.00
CA ILE D 115 -47.91 -20.07 -7.80
C ILE D 115 -47.47 -20.58 -9.18
N GLU D 116 -48.44 -20.93 -10.02
CA GLU D 116 -48.12 -21.40 -11.37
C GLU D 116 -47.47 -20.28 -12.19
N ALA D 117 -48.05 -19.07 -12.14
CA ALA D 117 -47.52 -17.95 -12.93
C ALA D 117 -46.08 -17.62 -12.55
N VAL D 118 -45.76 -17.57 -11.26
CA VAL D 118 -44.39 -17.26 -10.89
C VAL D 118 -43.46 -18.34 -11.45
N ILE D 119 -43.84 -19.61 -11.25
CA ILE D 119 -43.00 -20.69 -11.75
C ILE D 119 -42.97 -20.70 -13.27
N THR D 120 -44.10 -20.41 -13.93
CA THR D 120 -44.09 -20.37 -15.39
C THR D 120 -43.15 -19.30 -15.90
N VAL D 121 -43.20 -18.10 -15.30
CA VAL D 121 -42.32 -17.02 -15.73
C VAL D 121 -40.88 -17.40 -15.41
N ALA D 122 -40.63 -17.91 -14.20
CA ALA D 122 -39.28 -18.29 -13.83
C ALA D 122 -38.72 -19.33 -14.79
N SER D 123 -39.57 -20.22 -15.30
CA SER D 123 -39.04 -21.22 -16.22
C SER D 123 -38.80 -20.61 -17.59
N GLU D 124 -39.51 -19.55 -17.95
CA GLU D 124 -39.32 -18.92 -19.25
C GLU D 124 -38.38 -17.71 -19.22
N LEU D 125 -37.79 -17.37 -18.08
CA LEU D 125 -36.88 -16.23 -18.02
C LEU D 125 -35.64 -16.39 -18.88
#